data_7HJY
#
_entry.id   7HJY
#
_cell.length_a   26.345
_cell.length_b   47.283
_cell.length_c   46.445
_cell.angle_alpha   90.000
_cell.angle_beta   103.790
_cell.angle_gamma   90.000
#
_symmetry.space_group_name_H-M   'P 1 21 1'
#
loop_
_entity.id
_entity.type
_entity.pdbx_description
1 polymer 'De novo designed ABLE protein'
2 non-polymer 'DIMETHYL SULFOXIDE'
3 non-polymer '2-amino-4-fluorobenzoic acid'
4 water water
#
_entity_poly.entity_id   1
_entity_poly.type   'polypeptide(L)'
_entity_poly.pdbx_seq_one_letter_code
;SVKSEYAEAAAVGQEAVAVFNTMKAAFQNGDKEAVAQYLARLASLYTRHEELLNRILEKARREGNKEAVTLMNEFTATFQ
TGKSIFNAMVAAFKNGDDDSFESYLQALEKVTAKGETLADQIAKAL
;
_entity_poly.pdbx_strand_id   A
#
loop_
_chem_comp.id
_chem_comp.type
_chem_comp.name
_chem_comp.formula
DMS non-polymer 'DIMETHYL SULFOXIDE' 'C2 H6 O S'
FA0 non-polymer '2-amino-4-fluorobenzoic acid' 'C7 H6 F N O2'
#
# COMPACT_ATOMS: atom_id res chain seq x y z
N SER A 1 6.03 -20.82 -4.46
N SER A 1 6.50 -20.14 -4.74
CA SER A 1 4.67 -20.81 -5.00
CA SER A 1 5.16 -20.30 -5.33
C SER A 1 4.09 -19.41 -4.99
C SER A 1 4.44 -18.97 -5.29
N VAL A 2 2.96 -19.22 -5.68
N VAL A 2 3.21 -18.92 -5.84
CA VAL A 2 2.31 -17.92 -5.69
CA VAL A 2 2.43 -17.70 -5.75
C VAL A 2 1.81 -17.55 -4.31
C VAL A 2 2.16 -17.38 -4.29
N LYS A 3 1.52 -18.56 -3.47
N LYS A 3 2.14 -18.40 -3.42
CA LYS A 3 1.06 -18.27 -2.12
CA LYS A 3 1.89 -18.15 -2.01
C LYS A 3 2.18 -17.76 -1.24
C LYS A 3 3.08 -17.49 -1.31
N SER A 4 3.39 -18.32 -1.39
N SER A 4 4.31 -17.92 -1.62
CA SER A 4 4.54 -17.81 -0.66
CA SER A 4 5.47 -17.26 -1.00
C SER A 4 4.92 -16.43 -1.17
C SER A 4 5.62 -15.83 -1.49
N GLU A 5 4.83 -16.21 -2.48
N GLU A 5 5.25 -15.57 -2.75
CA GLU A 5 5.13 -14.90 -3.04
CA GLU A 5 5.20 -14.22 -3.24
C GLU A 5 4.15 -13.83 -2.59
C GLU A 5 4.13 -13.43 -2.52
N TYR A 6 2.93 -14.23 -2.20
N TYR A 6 3.00 -14.08 -2.20
CA TYR A 6 1.98 -13.28 -1.65
CA TYR A 6 1.96 -13.37 -1.44
C TYR A 6 2.31 -12.94 -0.21
C TYR A 6 2.43 -13.05 -0.01
N ALA A 7 2.71 -13.93 0.59
N ALA A 7 3.14 -13.98 0.63
CA ALA A 7 3.15 -13.67 1.95
CA ALA A 7 3.66 -13.69 1.98
C ALA A 7 4.36 -12.76 1.97
C ALA A 7 4.67 -12.55 1.96
N GLU A 8 5.25 -12.90 0.97
N GLU A 8 5.51 -12.50 0.94
CA GLU A 8 6.39 -11.98 0.85
CA GLU A 8 6.42 -11.35 0.79
C GLU A 8 5.93 -10.58 0.50
C GLU A 8 5.63 -10.06 0.60
N ALA A 9 4.91 -10.45 -0.37
N ALA A 9 4.64 -10.09 -0.30
CA ALA A 9 4.39 -9.13 -0.71
CA ALA A 9 3.80 -8.92 -0.49
C ALA A 9 3.59 -8.54 0.44
C ALA A 9 3.16 -8.50 0.83
N ALA A 10 2.91 -9.38 1.23
N ALA A 10 2.68 -9.46 1.62
CA ALA A 10 2.21 -8.88 2.41
CA ALA A 10 2.08 -9.11 2.91
C ALA A 10 3.19 -8.34 3.43
C ALA A 10 3.11 -8.47 3.83
N ALA A 11 4.38 -8.94 3.52
N ALA A 11 4.34 -8.98 3.81
CA ALA A 11 5.38 -8.44 4.46
CA ALA A 11 5.38 -8.40 4.66
C ALA A 11 5.90 -7.07 4.05
C ALA A 11 5.72 -6.99 4.23
N VAL A 12 6.04 -6.83 2.75
N VAL A 12 5.81 -6.74 2.93
CA VAL A 12 6.46 -5.51 2.29
CA VAL A 12 6.06 -5.38 2.46
C VAL A 12 5.38 -4.49 2.59
C VAL A 12 4.92 -4.44 2.87
N GLY A 13 4.11 -4.86 2.44
N GLY A 13 3.64 -4.87 2.73
CA GLY A 13 3.04 -3.95 2.80
CA GLY A 13 2.57 -4.06 3.26
C GLY A 13 3.06 -3.60 4.28
C GLY A 13 2.74 -3.73 4.74
N GLN A 14 3.29 -4.61 5.13
N GLN A 14 3.22 -4.71 5.52
CA GLN A 14 3.32 -4.36 6.58
CA GLN A 14 3.43 -4.49 6.94
C GLN A 14 4.53 -3.50 6.96
C GLN A 14 4.58 -3.53 7.17
N GLU A 15 5.60 -3.57 6.19
N GLU A 15 5.60 -3.57 6.34
CA GLU A 15 6.73 -2.67 6.42
CA GLU A 15 6.68 -2.60 6.46
C GLU A 15 6.37 -1.23 6.05
C GLU A 15 6.15 -1.19 6.21
N ALA A 16 5.53 -1.06 5.03
N ALA A 16 5.25 -1.06 5.25
CA ALA A 16 5.03 0.27 4.72
CA ALA A 16 4.65 0.23 5.00
C ALA A 16 4.09 0.78 5.80
C ALA A 16 3.83 0.71 6.18
N VAL A 17 3.31 -0.12 6.41
N VAL A 17 3.06 -0.19 6.83
CA VAL A 17 2.43 0.27 7.51
CA VAL A 17 2.36 0.22 8.05
C VAL A 17 3.25 0.78 8.69
C VAL A 17 3.33 0.78 9.06
N ALA A 18 4.32 0.07 9.04
N ALA A 18 4.42 0.06 9.31
CA ALA A 18 5.16 0.48 10.16
CA ALA A 18 5.38 0.51 10.30
C ALA A 18 5.81 1.83 9.89
C ALA A 18 5.93 1.88 9.96
N VAL A 19 6.34 2.03 8.69
N VAL A 19 6.41 2.06 8.74
CA VAL A 19 6.96 3.30 8.33
CA VAL A 19 7.05 3.31 8.34
C VAL A 19 5.91 4.40 8.26
C VAL A 19 6.01 4.44 8.31
N PHE A 20 4.70 4.08 7.82
N PHE A 20 4.78 4.11 7.92
CA PHE A 20 3.64 5.09 7.73
CA PHE A 20 3.74 5.13 7.89
C PHE A 20 3.28 5.61 9.12
C PHE A 20 3.46 5.64 9.30
N ASN A 21 3.12 4.72 10.09
N ASN A 21 3.35 4.72 10.26
CA ASN A 21 2.77 5.16 11.44
CA ASN A 21 3.04 5.17 11.61
C ASN A 21 3.90 5.92 12.10
C ASN A 21 4.17 6.01 12.19
N THR A 22 5.15 5.64 11.72
N THR A 22 5.41 5.63 11.93
CA THR A 22 6.27 6.42 12.22
CA THR A 22 6.55 6.46 12.32
C THR A 22 6.31 7.80 11.58
C THR A 22 6.50 7.83 11.65
N MET A 23 6.04 7.87 10.28
N MET A 23 6.12 7.88 10.37
CA MET A 23 5.99 9.16 9.60
CA MET A 23 6.00 9.13 9.65
C MET A 23 4.89 10.05 10.18
C MET A 23 4.92 10.03 10.23
N LYS A 24 3.77 9.44 10.58
CA LYS A 24 2.67 10.21 11.16
C LYS A 24 3.13 10.82 12.47
N ALA A 25 3.85 10.05 13.28
CA ALA A 25 4.34 10.60 14.54
C ALA A 25 5.27 11.79 14.27
N ALA A 26 6.15 11.66 13.28
CA ALA A 26 7.10 12.70 12.93
C ALA A 26 6.38 13.94 12.39
N PHE A 27 5.35 13.75 11.57
CA PHE A 27 4.55 14.88 11.11
C PHE A 27 3.90 15.59 12.28
N GLN A 28 3.28 14.83 13.19
CA GLN A 28 2.63 15.47 14.33
C GLN A 28 3.64 16.26 15.15
N ASN A 29 4.86 15.73 15.32
N ASN A 29 4.86 15.73 15.32
CA ASN A 29 5.90 16.42 16.06
CA ASN A 29 5.93 16.33 16.10
C ASN A 29 6.56 17.54 15.28
C ASN A 29 6.66 17.46 15.37
N GLY A 30 6.31 17.65 13.98
N GLY A 30 6.37 17.69 14.10
CA GLY A 30 6.89 18.72 13.19
CA GLY A 30 6.99 18.79 13.39
C GLY A 30 8.30 18.49 12.71
C GLY A 30 8.35 18.50 12.80
N ASP A 31 8.74 17.22 12.69
CA ASP A 31 10.09 16.85 12.26
C ASP A 31 10.04 16.63 10.75
N LYS A 32 10.17 17.74 10.00
N LYS A 32 10.11 17.75 10.00
CA LYS A 32 9.96 17.67 8.55
CA LYS A 32 9.87 17.71 8.56
C LYS A 32 11.10 16.97 7.82
C LYS A 32 10.96 16.95 7.82
N GLU A 33 12.32 17.03 8.36
N GLU A 33 12.21 17.04 8.27
CA GLU A 33 13.43 16.31 7.73
CA GLU A 33 13.29 16.30 7.62
C GLU A 33 13.22 14.82 7.80
C GLU A 33 13.07 14.81 7.71
N ALA A 34 12.59 14.33 8.87
CA ALA A 34 12.27 12.91 8.99
C ALA A 34 11.09 12.55 8.09
N VAL A 35 10.06 13.40 8.08
CA VAL A 35 8.92 13.10 7.21
C VAL A 35 9.37 12.94 5.77
N ALA A 36 10.29 13.80 5.31
N ALA A 36 10.24 13.85 5.28
CA ALA A 36 10.79 13.70 3.94
CA ALA A 36 10.69 13.78 3.89
C ALA A 36 11.44 12.34 3.69
C ALA A 36 11.29 12.41 3.59
N GLN A 37 12.20 11.84 4.66
N GLN A 37 12.12 11.93 4.49
CA GLN A 37 12.87 10.55 4.48
CA GLN A 37 12.80 10.65 4.28
C GLN A 37 11.88 9.40 4.53
C GLN A 37 11.84 9.49 4.34
N TYR A 38 10.91 9.47 5.44
N TYR A 38 10.93 9.50 5.32
CA TYR A 38 9.89 8.42 5.52
CA TYR A 38 9.92 8.44 5.40
C TYR A 38 9.05 8.38 4.25
C TYR A 38 9.05 8.42 4.16
N LEU A 39 8.78 9.55 3.66
N LEU A 39 8.69 9.61 3.63
CA LEU A 39 8.02 9.58 2.41
CA LEU A 39 7.89 9.66 2.41
C LEU A 39 8.80 8.95 1.26
C LEU A 39 8.63 9.02 1.24
N ALA A 40 10.11 9.18 1.21
N ALA A 40 9.94 9.28 1.12
CA ALA A 40 10.94 8.52 0.21
CA ALA A 40 10.72 8.61 0.07
C ALA A 40 10.97 7.01 0.44
C ALA A 40 10.72 7.09 0.27
N ARG A 41 11.00 6.60 1.72
N ARG A 41 10.82 6.64 1.52
CA ARG A 41 10.99 5.17 2.05
CA ARG A 41 10.88 5.21 1.81
C ARG A 41 9.66 4.53 1.66
C ARG A 41 9.53 4.55 1.51
N LEU A 42 8.55 5.23 1.92
N LEU A 42 8.44 5.24 1.87
CA LEU A 42 7.24 4.70 1.58
CA LEU A 42 7.10 4.77 1.52
C LEU A 42 7.05 4.61 0.07
C LEU A 42 6.91 4.71 0.02
N ALA A 43 7.58 5.59 -0.68
N ALA A 43 7.50 5.64 -0.74
CA ALA A 43 7.46 5.55 -2.12
CA ALA A 43 7.32 5.57 -2.19
C ALA A 43 8.17 4.34 -2.70
C ALA A 43 8.02 4.35 -2.76
N SER A 44 9.30 3.96 -2.11
N SER A 44 9.21 4.04 -2.24
CA SER A 44 10.03 2.79 -2.59
CA SER A 44 9.92 2.85 -2.69
C SER A 44 9.41 1.49 -2.12
C SER A 44 9.16 1.60 -2.32
N LEU A 45 8.64 1.52 -1.02
N LEU A 45 8.62 1.55 -1.11
CA LEU A 45 7.93 0.33 -0.55
CA LEU A 45 7.81 0.40 -0.68
C LEU A 45 6.64 0.12 -1.33
C LEU A 45 6.58 0.23 -1.58
N TYR A 46 5.93 1.20 -1.66
N TYR A 46 5.94 1.33 -1.96
CA TYR A 46 4.71 1.07 -2.43
CA TYR A 46 4.82 1.23 -2.88
C TYR A 46 4.98 0.67 -3.88
C TYR A 46 5.22 0.60 -4.20
N THR A 47 6.11 1.10 -4.43
N THR A 47 6.36 1.04 -4.76
CA THR A 47 6.47 0.69 -5.79
CA THR A 47 6.80 0.50 -6.04
C THR A 47 6.87 -0.78 -5.84
C THR A 47 7.05 -0.99 -5.93
N ARG A 48 7.59 -1.25 -4.82
N ARG A 48 7.72 -1.41 -4.86
CA ARG A 48 7.91 -2.67 -4.73
CA ARG A 48 8.02 -2.83 -4.65
C ARG A 48 6.65 -3.50 -4.52
C ARG A 48 6.76 -3.63 -4.40
N HIS A 49 5.75 -3.04 -3.65
N HIS A 49 5.83 -3.08 -3.64
CA HIS A 49 4.55 -3.81 -3.33
CA HIS A 49 4.60 -3.80 -3.33
C HIS A 49 3.61 -3.85 -4.53
C HIS A 49 3.80 -4.01 -4.61
N GLU A 50 3.55 -2.77 -5.32
N GLU A 50 3.66 -2.94 -5.40
CA GLU A 50 2.70 -2.77 -6.51
CA GLU A 50 2.97 -3.00 -6.68
C GLU A 50 3.23 -3.73 -7.57
C GLU A 50 3.59 -4.06 -7.58
N GLU A 51 4.55 -3.83 -7.70
N GLU A 51 4.93 -4.16 -7.60
CA GLU A 51 5.13 -4.72 -8.70
CA GLU A 51 5.55 -5.14 -8.47
C GLU A 51 4.93 -6.18 -8.32
C GLU A 51 5.23 -6.56 -8.02
N LEU A 52 5.07 -6.50 -7.03
N LEU A 52 5.23 -6.81 -6.71
CA LEU A 52 4.83 -7.86 -6.57
CA LEU A 52 4.84 -8.14 -6.20
C LEU A 52 3.38 -8.26 -6.78
C LEU A 52 3.38 -8.44 -6.49
N LEU A 53 2.44 -7.36 -6.45
N LEU A 53 2.50 -7.47 -6.30
CA LEU A 53 1.02 -7.69 -6.59
CA LEU A 53 1.09 -7.67 -6.60
C LEU A 53 0.66 -7.93 -8.06
C LEU A 53 0.88 -7.98 -8.07
N ASN A 54 1.27 -7.18 -8.97
N ASN A 54 1.60 -7.30 -8.97
CA ASN A 54 1.00 -7.40 -10.40
CA ASN A 54 1.42 -7.59 -10.39
C ASN A 54 1.49 -8.78 -10.83
C ASN A 54 1.87 -9.00 -10.72
N ARG A 55 2.70 -9.15 -10.42
N ARG A 55 2.97 -9.48 -10.11
CA ARG A 55 3.20 -10.49 -10.75
CA ARG A 55 3.42 -10.84 -10.41
C ARG A 55 2.26 -11.56 -10.21
C ARG A 55 2.43 -11.88 -9.89
N ILE A 56 1.76 -11.38 -8.99
N ILE A 56 1.83 -11.63 -8.74
CA ILE A 56 0.85 -12.35 -8.40
CA ILE A 56 0.84 -12.55 -8.19
C ILE A 56 -0.45 -12.43 -9.19
C ILE A 56 -0.37 -12.62 -9.11
N LEU A 57 -0.96 -11.28 -9.65
N LEU A 57 -0.89 -11.46 -9.50
CA LEU A 57 -2.19 -11.27 -10.43
CA LEU A 57 -2.05 -11.42 -10.39
C LEU A 57 -1.99 -11.88 -11.81
C LEU A 57 -1.75 -12.09 -11.72
N GLU A 58 -0.82 -11.67 -12.40
N GLU A 58 -0.58 -11.80 -12.30
CA GLU A 58 -0.54 -12.27 -13.70
CA GLU A 58 -0.26 -12.43 -13.58
C GLU A 58 -0.30 -13.77 -13.59
C GLU A 58 -0.15 -13.95 -13.43
N LYS A 59 0.26 -14.23 -12.47
N LYS A 59 0.40 -14.43 -12.31
CA LYS A 59 0.47 -15.66 -12.27
CA LYS A 59 0.55 -15.87 -12.12
C LYS A 59 -0.86 -16.37 -12.07
C LYS A 59 -0.81 -16.52 -11.89
N ALA A 60 -1.70 -15.85 -11.17
CA ALA A 60 -3.04 -16.41 -10.99
C ALA A 60 -3.79 -16.48 -12.31
N ARG A 61 -3.59 -15.49 -13.17
N ARG A 61 -3.59 -15.49 -13.17
CA ARG A 61 -4.22 -15.51 -14.49
CA ARG A 61 -4.21 -15.48 -14.50
C ARG A 61 -3.68 -16.66 -15.34
C ARG A 61 -3.69 -16.65 -15.34
N ARG A 62 -2.36 -16.86 -15.32
CA ARG A 62 -1.77 -17.94 -16.12
C ARG A 62 -2.19 -19.30 -15.59
N GLU A 63 -2.44 -19.39 -14.28
N GLU A 63 -2.48 -19.40 -14.30
CA GLU A 63 -2.88 -20.62 -13.63
CA GLU A 63 -2.94 -20.62 -13.66
C GLU A 63 -4.38 -20.85 -13.75
C GLU A 63 -4.43 -20.85 -13.81
N GLY A 64 -5.12 -19.92 -14.35
N GLY A 64 -5.16 -19.89 -14.38
CA GLY A 64 -6.56 -20.07 -14.48
CA GLY A 64 -6.60 -19.98 -14.52
C GLY A 64 -7.30 -20.08 -13.16
C GLY A 64 -7.38 -19.92 -13.23
N ASN A 65 -6.80 -19.35 -12.16
CA ASN A 65 -7.42 -19.35 -10.82
C ASN A 65 -8.40 -18.19 -10.83
N LYS A 66 -9.63 -18.46 -11.28
N LYS A 66 -9.63 -18.46 -11.31
CA LYS A 66 -10.58 -17.38 -11.53
CA LYS A 66 -10.59 -17.36 -11.53
C LYS A 66 -10.87 -16.58 -10.26
C LYS A 66 -10.89 -16.59 -10.26
N GLU A 67 -11.12 -17.26 -9.15
N GLU A 67 -11.08 -17.28 -9.14
CA GLU A 67 -11.48 -16.55 -7.93
CA GLU A 67 -11.44 -16.53 -7.94
C GLU A 67 -10.33 -15.67 -7.45
C GLU A 67 -10.28 -15.65 -7.49
N ALA A 68 -9.09 -16.15 -7.56
N ALA A 68 -9.04 -16.17 -7.56
CA ALA A 68 -7.94 -15.34 -7.15
CA ALA A 68 -7.90 -15.36 -7.16
C ALA A 68 -7.76 -14.14 -8.07
C ALA A 68 -7.76 -14.15 -8.08
N VAL A 69 -8.01 -14.33 -9.37
CA VAL A 69 -7.94 -13.20 -10.31
C VAL A 69 -8.94 -12.13 -9.93
N THR A 70 -10.20 -12.54 -9.69
CA THR A 70 -11.24 -11.58 -9.29
C THR A 70 -10.82 -10.77 -8.07
N LEU A 71 -10.40 -11.47 -7.01
CA LEU A 71 -10.04 -10.82 -5.76
C LEU A 71 -8.83 -9.93 -5.96
N MET A 72 -7.83 -10.41 -6.71
CA MET A 72 -6.64 -9.59 -6.98
C MET A 72 -6.97 -8.36 -7.82
N ASN A 73 -7.87 -8.46 -8.80
CA ASN A 73 -8.28 -7.26 -9.53
C ASN A 73 -8.94 -6.24 -8.60
N GLU A 74 -9.82 -6.70 -7.69
CA GLU A 74 -10.46 -5.79 -6.75
C GLU A 74 -9.43 -5.16 -5.84
N PHE A 75 -8.48 -5.97 -5.37
N PHE A 75 -8.53 -5.98 -5.30
CA PHE A 75 -7.44 -5.47 -4.47
CA PHE A 75 -7.56 -5.46 -4.35
C PHE A 75 -6.49 -4.52 -5.19
C PHE A 75 -6.63 -4.47 -5.03
N THR A 76 -6.10 -4.83 -6.43
N THR A 76 -6.17 -4.78 -6.24
CA THR A 76 -5.17 -3.96 -7.16
CA THR A 76 -5.24 -3.86 -6.90
C THR A 76 -5.83 -2.64 -7.55
C THR A 76 -5.93 -2.53 -7.23
N ALA A 77 -7.15 -2.62 -7.69
N ALA A 77 -7.23 -2.56 -7.59
CA ALA A 77 -7.84 -1.35 -7.93
CA ALA A 77 -7.90 -1.27 -7.82
C ALA A 77 -7.85 -0.49 -6.68
C ALA A 77 -7.89 -0.42 -6.55
N THR A 78 -8.09 -1.11 -5.52
N THR A 78 -8.21 -1.02 -5.41
CA THR A 78 -8.02 -0.36 -4.26
CA THR A 78 -8.19 -0.27 -4.15
C THR A 78 -6.61 0.12 -3.98
C THR A 78 -6.76 0.18 -3.82
N PHE A 79 -5.60 -0.59 -4.48
N PHE A 79 -5.79 -0.71 -4.02
CA PHE A 79 -4.22 -0.14 -4.28
CA PHE A 79 -4.40 -0.35 -3.81
C PHE A 79 -3.96 1.18 -4.98
C PHE A 79 -4.03 0.93 -4.57
N GLN A 80 -4.46 1.33 -6.21
N GLN A 80 -4.50 1.04 -5.82
CA GLN A 80 -4.27 2.59 -6.93
CA GLN A 80 -4.19 2.20 -6.65
C GLN A 80 -4.98 3.74 -6.22
C GLN A 80 -4.89 3.49 -6.14
N THR A 81 -6.08 3.45 -5.53
N THR A 81 -6.09 3.37 -5.57
CA THR A 81 -6.73 4.49 -4.73
CA THR A 81 -6.72 4.50 -4.90
C THR A 81 -5.81 4.96 -3.61
C THR A 81 -5.83 4.98 -3.78
N GLY A 82 -5.11 4.04 -2.96
N GLY A 82 -5.34 4.04 -2.98
CA GLY A 82 -4.16 4.42 -1.93
CA GLY A 82 -4.39 4.41 -1.94
C GLY A 82 -2.94 5.11 -2.51
C GLY A 82 -3.17 5.13 -2.51
N LYS A 83 -2.47 4.67 -3.67
N LYS A 83 -2.60 4.60 -3.58
CA LYS A 83 -1.32 5.31 -4.31
CA LYS A 83 -1.40 5.19 -4.14
C LYS A 83 -1.65 6.74 -4.72
C LYS A 83 -1.67 6.59 -4.66
N SER A 84 -2.85 6.97 -5.24
N SER A 84 -2.83 6.81 -5.29
CA SER A 84 -3.23 8.32 -5.64
CA SER A 84 -3.17 8.16 -5.72
C SER A 84 -3.36 9.22 -4.42
C SER A 84 -3.30 9.13 -4.56
N ILE A 85 -3.86 8.70 -3.30
N ILE A 85 -3.92 8.70 -3.46
CA ILE A 85 -3.94 9.49 -2.08
CA ILE A 85 -4.00 9.56 -2.28
C ILE A 85 -2.54 9.73 -1.50
C ILE A 85 -2.60 9.82 -1.72
N PHE A 86 -1.64 8.76 -1.65
N PHE A 86 -1.78 8.78 -1.67
CA PHE A 86 -0.28 8.94 -1.16
CA PHE A 86 -0.41 8.95 -1.22
C PHE A 86 0.47 9.98 -1.97
C PHE A 86 0.29 10.00 -2.06
N ASN A 87 0.34 9.93 -3.31
N ASN A 87 0.12 9.94 -3.37
CA ASN A 87 1.04 10.90 -4.15
CA ASN A 87 0.78 10.91 -4.23
C ASN A 87 0.50 12.31 -3.94
C ASN A 87 0.30 12.33 -3.91
N ALA A 88 -0.80 12.44 -3.66
N ALA A 88 -0.99 12.49 -3.68
CA ALA A 88 -1.35 13.75 -3.33
CA ALA A 88 -1.49 13.82 -3.28
C ALA A 88 -0.86 14.23 -1.96
C ALA A 88 -0.89 14.25 -1.94
N MET A 89 -0.69 13.30 -1.02
CA MET A 89 -0.10 13.64 0.28
C MET A 89 1.33 14.14 0.11
N VAL A 90 2.10 13.46 -0.74
CA VAL A 90 3.46 13.90 -1.00
C VAL A 90 3.45 15.31 -1.58
N ALA A 91 2.51 15.59 -2.49
N ALA A 91 2.53 15.58 -2.48
CA ALA A 91 2.44 16.92 -3.09
CA ALA A 91 2.42 16.91 -3.09
C ALA A 91 2.07 17.97 -2.06
C ALA A 91 2.07 17.97 -2.06
N ALA A 92 1.16 17.65 -1.13
CA ALA A 92 0.83 18.60 -0.06
C ALA A 92 2.04 18.87 0.83
N PHE A 93 2.89 17.86 1.06
CA PHE A 93 4.08 18.09 1.86
C PHE A 93 5.05 19.02 1.14
N LYS A 94 5.26 18.79 -0.16
N LYS A 94 5.22 18.80 -0.17
CA LYS A 94 6.11 19.67 -0.94
CA LYS A 94 6.09 19.65 -0.98
C LYS A 94 5.59 21.10 -0.90
C LYS A 94 5.58 21.07 -0.99
N ASN A 95 4.28 21.28 -1.06
N ASN A 95 4.27 21.26 -0.99
CA ASN A 95 3.68 22.61 -1.05
CA ASN A 95 3.65 22.58 -1.06
C ASN A 95 3.55 23.18 0.36
C ASN A 95 3.50 23.25 0.29
N GLY A 96 3.66 22.35 1.40
N GLY A 96 3.95 22.64 1.38
CA GLY A 96 3.48 22.85 2.75
CA GLY A 96 3.87 23.26 2.69
C GLY A 96 2.03 23.01 3.16
C GLY A 96 2.46 23.34 3.25
N ASP A 97 1.12 22.23 2.57
N ASP A 97 1.56 22.48 2.77
CA ASP A 97 -0.30 22.30 2.90
CA ASP A 97 0.14 22.50 3.12
C ASP A 97 -0.61 21.27 3.98
C ASP A 97 -0.13 21.38 4.13
N ASP A 98 -0.34 21.66 5.23
N ASP A 98 -0.06 21.72 5.42
CA ASP A 98 -0.53 20.73 6.35
CA ASP A 98 -0.25 20.74 6.48
C ASP A 98 -1.99 20.30 6.45
C ASP A 98 -1.71 20.35 6.62
N ASP A 99 -2.92 21.23 6.16
N ASP A 99 -2.62 21.27 6.36
CA ASP A 99 -4.33 20.87 6.18
CA ASP A 99 -4.03 20.93 6.47
C ASP A 99 -4.63 19.75 5.17
C ASP A 99 -4.38 19.78 5.53
N SER A 100 -4.05 19.84 3.97
N SER A 100 -4.06 19.91 4.24
CA SER A 100 -4.23 18.76 3.01
CA SER A 100 -4.31 18.83 3.29
C SER A 100 -3.39 17.54 3.35
C SER A 100 -3.54 17.57 3.67
N PHE A 101 -2.28 17.72 4.08
CA PHE A 101 -1.48 16.55 4.45
C PHE A 101 -2.19 15.72 5.52
N GLU A 102 -2.80 16.39 6.50
N GLU A 102 -2.68 16.39 6.58
CA GLU A 102 -3.65 15.70 7.46
CA GLU A 102 -3.36 15.69 7.66
C GLU A 102 -4.80 14.99 6.77
C GLU A 102 -4.58 14.95 7.15
N SER A 103 -5.48 15.67 5.85
N SER A 103 -5.33 15.60 6.26
CA SER A 103 -6.65 15.09 5.19
CA SER A 103 -6.54 15.00 5.72
C SER A 103 -6.27 13.84 4.40
C SER A 103 -6.21 13.76 4.90
N TYR A 104 -5.22 13.93 3.59
N TYR A 104 -5.20 13.86 4.04
CA TYR A 104 -4.80 12.77 2.80
CA TYR A 104 -4.81 12.74 3.19
C TYR A 104 -4.30 11.64 3.68
C TYR A 104 -4.28 11.59 4.03
N LEU A 105 -3.79 11.96 4.87
N LEU A 105 -3.53 11.92 5.07
CA LEU A 105 -3.26 10.93 5.75
CA LEU A 105 -3.05 10.87 5.97
C LEU A 105 -4.39 10.08 6.34
C LEU A 105 -4.22 10.07 6.53
N GLN A 106 -5.47 10.72 6.79
N GLN A 106 -5.25 10.75 6.98
CA GLN A 106 -6.60 9.95 7.32
CA GLN A 106 -6.42 10.06 7.52
C GLN A 106 -7.26 9.12 6.24
C GLN A 106 -7.14 9.26 6.44
N ALA A 107 -7.37 9.67 5.03
N ALA A 107 -7.27 9.84 5.25
CA ALA A 107 -7.99 8.92 3.94
CA ALA A 107 -7.96 9.14 4.18
C ALA A 107 -7.18 7.68 3.59
C ALA A 107 -7.19 7.91 3.74
N LEU A 108 -5.85 7.79 3.63
N LEU A 108 -5.87 8.03 3.65
CA LEU A 108 -5.01 6.64 3.35
CA LEU A 108 -5.06 6.89 3.21
C LEU A 108 -5.13 5.57 4.43
C LEU A 108 -5.17 5.74 4.20
N GLU A 109 -5.36 5.99 5.68
N GLU A 109 -5.23 6.06 5.50
CA GLU A 109 -5.59 5.03 6.75
CA GLU A 109 -5.43 5.02 6.51
C GLU A 109 -6.92 4.31 6.58
C GLU A 109 -6.73 4.27 6.27
N LYS A 110 -7.98 5.05 6.26
N LYS A 110 -7.81 4.97 5.97
CA LYS A 110 -9.28 4.42 6.07
CA LYS A 110 -9.09 4.29 5.77
C LYS A 110 -9.30 3.52 4.85
C LYS A 110 -9.11 3.47 4.48
N VAL A 111 -8.65 3.94 3.76
N VAL A 111 -8.53 3.99 3.39
CA VAL A 111 -8.56 3.09 2.57
CA VAL A 111 -8.56 3.24 2.13
C VAL A 111 -7.80 1.82 2.88
C VAL A 111 -7.70 1.98 2.21
N THR A 112 -6.71 1.94 3.64
N THR A 112 -6.53 2.07 2.85
CA THR A 112 -5.92 0.76 3.98
CA THR A 112 -5.69 0.88 2.92
C THR A 112 -6.68 -0.18 4.92
C THR A 112 -6.30 -0.19 3.81
N ALA A 113 -7.41 0.38 5.89
N ALA A 113 -6.95 0.22 4.89
CA ALA A 113 -8.14 -0.46 6.83
CA ALA A 113 -7.63 -0.74 5.74
C ALA A 113 -9.32 -1.16 6.16
C ALA A 113 -8.78 -1.43 4.99
N LYS A 114 -9.95 -0.52 5.18
N LYS A 114 -9.51 -0.68 4.16
CA LYS A 114 -11.08 -1.14 4.50
CA LYS A 114 -10.55 -1.29 3.34
C LYS A 114 -10.65 -2.37 3.71
C LYS A 114 -9.99 -2.39 2.45
N GLY A 115 -9.49 -2.31 3.07
N GLY A 115 -8.83 -2.15 1.83
CA GLY A 115 -9.06 -3.37 2.18
CA GLY A 115 -8.28 -3.17 0.94
C GLY A 115 -8.20 -4.43 2.86
C GLY A 115 -7.82 -4.41 1.68
N GLU A 116 -8.48 -4.73 4.12
N GLU A 116 -7.35 -4.23 2.89
CA GLU A 116 -7.76 -5.78 4.83
CA GLU A 116 -6.84 -5.35 3.67
C GLU A 116 -8.51 -7.10 4.87
C GLU A 116 -7.93 -6.35 4.06
N THR A 117 -9.84 -7.07 4.95
N THR A 117 -9.20 -5.94 4.02
CA THR A 117 -10.59 -8.32 4.81
CA THR A 117 -10.28 -6.88 4.32
C THR A 117 -10.33 -8.96 3.45
C THR A 117 -10.41 -7.99 3.28
N LEU A 118 -10.24 -8.14 2.40
N LEU A 118 -9.83 -7.82 2.08
CA LEU A 118 -9.95 -8.65 1.08
CA LEU A 118 -9.78 -8.85 1.05
C LEU A 118 -8.51 -9.15 0.96
C LEU A 118 -8.61 -9.83 1.23
N ALA A 119 -7.58 -8.54 1.71
N ALA A 119 -7.70 -9.59 2.19
CA ALA A 119 -6.20 -9.02 1.68
CA ALA A 119 -6.48 -10.40 2.27
C ALA A 119 -6.09 -10.41 2.28
C ALA A 119 -6.78 -11.87 2.58
N ASP A 120 -6.83 -10.69 3.36
N ASP A 120 -7.65 -12.13 3.55
CA ASP A 120 -6.81 -12.02 3.94
CA ASP A 120 -7.90 -13.52 3.92
C ASP A 120 -7.57 -13.02 3.07
C ASP A 120 -8.49 -14.30 2.76
N GLN A 121 -8.55 -12.56 2.31
N GLN A 121 -9.42 -13.69 2.03
CA GLN A 121 -9.24 -13.45 1.40
CA GLN A 121 -9.98 -14.31 0.84
C GLN A 121 -8.30 -13.95 0.31
C GLN A 121 -8.92 -14.57 -0.21
N ILE A 122 -7.40 -13.09 -0.17
N ILE A 122 -8.02 -13.60 -0.43
CA ILE A 122 -6.49 -13.47 -1.24
CA ILE A 122 -6.99 -13.80 -1.45
C ILE A 122 -5.49 -14.50 -0.75
C ILE A 122 -6.09 -14.95 -1.05
N ALA A 123 -5.01 -14.36 0.49
N ALA A 123 -5.60 -14.92 0.18
CA ALA A 123 -4.05 -15.32 1.02
CA ALA A 123 -4.70 -15.98 0.63
C ALA A 123 -4.63 -16.73 1.02
C ALA A 123 -5.33 -17.36 0.47
N LYS A 124 -5.93 -16.86 1.31
N LYS A 124 -6.62 -17.48 0.77
CA LYS A 124 -6.58 -18.16 1.32
CA LYS A 124 -7.33 -18.75 0.66
C LYS A 124 -6.96 -18.65 -0.05
C LYS A 124 -7.50 -19.21 -0.79
N ALA A 125 -7.11 -17.74 -1.02
N ALA A 125 -7.58 -18.26 -1.73
CA ALA A 125 -7.60 -18.13 -2.35
CA ALA A 125 -7.92 -18.57 -3.11
C ALA A 125 -6.48 -18.65 -3.24
C ALA A 125 -6.70 -18.88 -3.95
N LEU A 126 -5.27 -18.12 -3.11
N LEU A 126 -5.52 -18.36 -3.57
CA LEU A 126 -4.18 -18.48 -4.01
CA LEU A 126 -4.32 -18.48 -4.40
C LEU A 126 -3.79 -19.95 -3.83
C LEU A 126 -3.92 -19.92 -4.73
S DMS B . -0.76 2.59 6.65
O DMS B . -0.67 1.51 5.58
C1 DMS B . -2.05 2.14 7.82
C2 DMS B . -1.65 3.94 5.81
H11 DMS B . -1.85 1.17 8.21
H12 DMS B . -2.07 2.84 8.61
H13 DMS B . -3.00 2.12 7.35
H21 DMS B . -2.56 3.59 5.40
H22 DMS B . -1.05 4.33 5.03
H23 DMS B . -1.85 4.71 6.51
OAA FA0 C . 0.56 -0.96 1.22
CAB FA0 C . 1.52 -0.28 0.81
OAC FA0 C . 2.40 -0.77 0.07
CAD FA0 C . 1.62 1.15 1.27
CAE FA0 C . 0.51 1.69 1.96
CAF FA0 C . 0.50 3.01 2.44
CAG FA0 C . 1.63 3.79 2.18
FAH FA0 C . 1.71 5.07 2.62
CAI FA0 C . 2.74 3.28 1.51
CAJ FA0 C . 2.77 1.98 1.05
NAK FA0 C . 3.93 1.56 0.39
H2 FA0 C . -0.37 1.08 2.15
H3 FA0 C . -0.35 3.41 2.97
H4 FA0 C . 3.60 3.93 1.36
H5 FA0 C . 4.66 2.21 0.14
H6 FA0 C . 4.07 0.59 0.15
#